data_8TG5
#
_entry.id   8TG5
#
_cell.length_a   38.291
_cell.length_b   45.344
_cell.length_c   125.239
_cell.angle_alpha   90.000
_cell.angle_beta   90.000
_cell.angle_gamma   90.000
#
_symmetry.space_group_name_H-M   'P 21 21 21'
#
loop_
_entity.id
_entity.type
_entity.pdbx_description
1 polymer "Probable RNA 2'-phosphotransferase"
2 non-polymer '(2S,3R,4R,5S)-2-(6-amino-9H-purin-9-yl)-4-{[(S)-{[(2R,3S,4R,5S)-5-(6-amino-9H-purin-9-yl)-3,4-dihydroxyoxolan-2-yl]methoxy}(hydroxy)phosphoryl]oxy}-5-({[(S)-{[(2R,3R,4S,5R)-5-(6-amino-9H-purin-9-yl)-4-hydroxy-2-(hydroxymethyl)oxolan-3-yl]oxy}(hydroxy)phosphoryl]oxy}methyl)oxolan-3-yl dihydrogen phosphate (non-preferred name)'
3 non-polymer 'POTASSIUM ION'
4 non-polymer 'CHLORIDE ION'
5 water water
#
_entity_poly.entity_id   1
_entity_poly.type   'polypeptide(L)'
_entity_poly.pdbx_seq_one_letter_code
;SRFKVSKLMAYILRHSPWEFGLEPDEEGFVSIEELVNAVRKVYPWVTEEYIREIVERDEKGRYEIRGNKIRARYGHSYPV
ILRHEEDKESKVLYHGTVRRNLKGIMREGIKPMKRQYVHLSINYEDAYNTGMRHGEDVVVLIIDAECLRNKGYKILKAGK
KVRIVKHVPVDCISGIL
;
_entity_poly.pdbx_strand_id   A
#
loop_
_chem_comp.id
_chem_comp.type
_chem_comp.name
_chem_comp.formula
9S2 non-polymer '(2S,3R,4R,5S)-2-(6-amino-9H-purin-9-yl)-4-{[(S)-{[(2R,3S,4R,5S)-5-(6-amino-9H-purin-9-yl)-3,4-dihydroxyoxolan-2-yl]methoxy}(hydroxy)phosphoryl]oxy}-5-({[(S)-{[(2R,3R,4S,5R)-5-(6-amino-9H-purin-9-yl)-4-hydroxy-2-(hydroxymethyl)oxolan-3-yl]oxy}(hydroxy)phosphoryl]oxy}methyl)oxolan-3-yl dihydrogen phosphate (non-preferred name)' 'C30 H38 N15 O19 P3'
CL non-polymer 'CHLORIDE ION' 'Cl -1'
K non-polymer 'POTASSIUM ION' 'K 1'
#
# COMPACT_ATOMS: atom_id res chain seq x y z
N SER A 1 -11.23 18.49 -8.38
CA SER A 1 -11.87 17.58 -7.44
C SER A 1 -10.82 16.93 -6.56
N ARG A 2 -11.24 16.44 -5.39
CA ARG A 2 -10.30 15.69 -4.57
C ARG A 2 -9.82 14.45 -5.29
N PHE A 3 -10.68 13.81 -6.09
CA PHE A 3 -10.25 12.61 -6.80
C PHE A 3 -9.10 12.90 -7.76
N LYS A 4 -9.26 13.95 -8.59
CA LYS A 4 -8.22 14.28 -9.56
C LYS A 4 -6.91 14.67 -8.88
N VAL A 5 -6.99 15.43 -7.80
CA VAL A 5 -5.75 15.88 -7.16
C VAL A 5 -5.11 14.73 -6.38
N SER A 6 -5.92 13.91 -5.72
CA SER A 6 -5.39 12.72 -5.04
C SER A 6 -4.75 11.76 -6.03
N LYS A 7 -5.37 11.59 -7.20
CA LYS A 7 -4.78 10.69 -8.18
C LYS A 7 -3.39 11.16 -8.56
N LEU A 8 -3.22 12.48 -8.73
CA LEU A 8 -1.89 13.02 -9.07
C LEU A 8 -0.93 12.93 -7.90
N MET A 9 -1.40 13.19 -6.68
CA MET A 9 -0.54 13.02 -5.50
C MET A 9 0.02 11.60 -5.45
N ALA A 10 -0.86 10.61 -5.62
CA ALA A 10 -0.40 9.22 -5.55
C ALA A 10 0.67 8.95 -6.59
N TYR A 11 0.46 9.45 -7.81
CA TYR A 11 1.43 9.24 -8.88
C TYR A 11 2.77 9.86 -8.53
N ILE A 12 2.75 11.11 -8.04
CA ILE A 12 4.00 11.78 -7.66
C ILE A 12 4.68 11.04 -6.52
N LEU A 13 3.93 10.66 -5.48
CA LEU A 13 4.57 10.15 -4.28
C LEU A 13 5.01 8.69 -4.41
N ARG A 14 4.30 7.90 -5.21
CA ARG A 14 4.62 6.49 -5.39
C ARG A 14 5.54 6.24 -6.58
N HIS A 15 5.49 7.07 -7.61
CA HIS A 15 6.01 6.56 -8.88
C HIS A 15 6.93 7.53 -9.60
N SER A 16 6.68 8.83 -9.53
CA SER A 16 7.50 9.71 -10.35
C SER A 16 7.79 11.04 -9.67
N PRO A 17 8.36 11.04 -8.45
CA PRO A 17 8.64 12.33 -7.79
C PRO A 17 9.72 13.13 -8.49
N TRP A 18 10.73 12.47 -9.05
CA TRP A 18 11.82 13.22 -9.67
C TRP A 18 11.34 13.99 -10.89
N GLU A 19 10.37 13.44 -11.61
CA GLU A 19 9.75 14.16 -12.72
C GLU A 19 9.23 15.52 -12.30
N PHE A 20 8.79 15.66 -11.04
CA PHE A 20 8.27 16.91 -10.52
C PHE A 20 9.29 17.65 -9.66
N GLY A 21 10.57 17.33 -9.80
CA GLY A 21 11.60 18.01 -9.05
C GLY A 21 11.67 17.68 -7.58
N LEU A 22 11.00 16.62 -7.12
CA LEU A 22 11.01 16.23 -5.72
C LEU A 22 12.01 15.10 -5.48
N GLU A 23 12.63 15.11 -4.29
CA GLU A 23 13.62 14.11 -3.91
C GLU A 23 13.17 13.41 -2.63
N PRO A 24 12.52 12.26 -2.71
CA PRO A 24 12.02 11.63 -1.50
C PRO A 24 13.17 11.08 -0.66
N ASP A 25 12.98 11.11 0.66
CA ASP A 25 13.98 10.52 1.53
C ASP A 25 13.83 9.00 1.53
N GLU A 26 14.63 8.32 2.36
CA GLU A 26 14.63 6.87 2.30
C GLU A 26 13.31 6.28 2.77
N GLU A 27 12.50 7.05 3.48
CA GLU A 27 11.20 6.62 3.95
C GLU A 27 10.06 7.02 3.03
N GLY A 28 10.36 7.62 1.87
CA GLY A 28 9.34 8.05 0.94
C GLY A 28 8.78 9.44 1.17
N PHE A 29 9.31 10.19 2.13
CA PHE A 29 8.78 11.51 2.46
C PHE A 29 9.33 12.59 1.53
N VAL A 30 8.46 13.55 1.16
CA VAL A 30 8.87 14.79 0.50
C VAL A 30 8.28 15.96 1.31
N SER A 31 8.86 17.14 1.10
CA SER A 31 8.30 18.36 1.69
C SER A 31 6.90 18.60 1.14
N ILE A 32 5.94 18.83 2.05
CA ILE A 32 4.58 19.09 1.57
C ILE A 32 4.51 20.43 0.85
N GLU A 33 5.37 21.38 1.23
CA GLU A 33 5.39 22.67 0.54
C GLU A 33 5.83 22.50 -0.91
N GLU A 34 6.86 21.69 -1.15
CA GLU A 34 7.30 21.47 -2.53
C GLU A 34 6.29 20.62 -3.31
N LEU A 35 5.58 19.71 -2.63
CA LEU A 35 4.51 18.97 -3.29
C LEU A 35 3.40 19.89 -3.77
N VAL A 36 3.01 20.89 -2.96
CA VAL A 36 2.05 21.89 -3.44
C VAL A 36 2.56 22.54 -4.72
N ASN A 37 3.81 22.98 -4.70
CA ASN A 37 4.38 23.63 -5.88
C ASN A 37 4.34 22.69 -7.08
N ALA A 38 4.61 21.41 -6.84
CA ALA A 38 4.55 20.42 -7.91
C ALA A 38 3.12 20.26 -8.43
N VAL A 39 2.17 20.04 -7.52
CA VAL A 39 0.78 19.82 -7.96
C VAL A 39 0.25 21.04 -8.70
N ARG A 40 0.62 22.24 -8.24
CA ARG A 40 0.20 23.48 -8.87
C ARG A 40 0.66 23.60 -10.32
N LYS A 41 1.64 22.80 -10.74
CA LYS A 41 2.01 22.77 -12.16
C LYS A 41 0.90 22.19 -13.02
N VAL A 42 0.00 21.39 -12.44
CA VAL A 42 -1.14 20.83 -13.14
C VAL A 42 -2.45 21.47 -12.71
N TYR A 43 -2.62 21.69 -11.41
CA TYR A 43 -3.83 22.26 -10.82
C TYR A 43 -3.43 23.48 -10.01
N PRO A 44 -3.35 24.66 -10.65
CA PRO A 44 -2.76 25.83 -9.97
C PRO A 44 -3.57 26.37 -8.80
N TRP A 45 -4.81 25.93 -8.61
CA TRP A 45 -5.67 26.39 -7.52
C TRP A 45 -5.46 25.59 -6.22
N VAL A 46 -4.62 24.56 -6.24
CA VAL A 46 -4.40 23.74 -5.05
C VAL A 46 -3.63 24.55 -4.00
N THR A 47 -4.01 24.38 -2.75
CA THR A 47 -3.34 24.97 -1.61
C THR A 47 -2.77 23.87 -0.71
N GLU A 48 -1.81 24.25 0.16
CA GLU A 48 -1.35 23.31 1.19
C GLU A 48 -2.51 22.83 2.04
N GLU A 49 -3.40 23.76 2.39
N GLU A 49 -3.41 23.75 2.41
CA GLU A 49 -4.58 23.42 3.19
CA GLU A 49 -4.58 23.38 3.20
C GLU A 49 -5.41 22.33 2.50
C GLU A 49 -5.41 22.30 2.49
N TYR A 50 -5.55 22.41 1.17
CA TYR A 50 -6.29 21.40 0.41
C TYR A 50 -5.59 20.04 0.48
N ILE A 51 -4.30 20.00 0.22
CA ILE A 51 -3.60 18.72 0.27
C ILE A 51 -3.71 18.08 1.66
N ARG A 52 -3.60 18.91 2.70
CA ARG A 52 -3.77 18.40 4.07
C ARG A 52 -5.17 17.85 4.28
N GLU A 53 -6.20 18.52 3.76
CA GLU A 53 -7.56 17.98 3.89
C GLU A 53 -7.71 16.67 3.13
N ILE A 54 -7.07 16.55 1.96
CA ILE A 54 -7.14 15.30 1.21
C ILE A 54 -6.57 14.15 2.05
N VAL A 55 -5.43 14.39 2.69
CA VAL A 55 -4.82 13.38 3.57
C VAL A 55 -5.78 13.02 4.69
N GLU A 56 -6.36 14.03 5.35
CA GLU A 56 -7.20 13.76 6.50
C GLU A 56 -8.44 12.96 6.10
N ARG A 57 -8.97 13.20 4.90
CA ARG A 57 -10.26 12.63 4.50
C ARG A 57 -10.12 11.36 3.68
N ASP A 58 -8.91 10.98 3.29
CA ASP A 58 -8.74 9.88 2.35
C ASP A 58 -9.33 8.58 2.90
N GLU A 59 -10.13 7.91 2.07
CA GLU A 59 -10.89 6.74 2.50
C GLU A 59 -9.98 5.56 2.88
N LYS A 60 -8.86 5.40 2.18
CA LYS A 60 -7.99 4.25 2.43
C LYS A 60 -6.83 4.57 3.36
N GLY A 61 -6.70 5.81 3.82
CA GLY A 61 -5.51 6.24 4.53
C GLY A 61 -4.29 6.12 3.65
N ARG A 62 -4.38 6.62 2.41
CA ARG A 62 -3.28 6.47 1.45
C ARG A 62 -2.04 7.25 1.85
N TYR A 63 -2.20 8.30 2.66
CA TYR A 63 -1.16 9.30 2.86
C TYR A 63 -0.86 9.47 4.33
N GLU A 64 0.35 9.98 4.60
CA GLU A 64 0.81 10.21 5.96
C GLU A 64 1.57 11.53 5.98
N ILE A 65 1.25 12.39 6.94
CA ILE A 65 1.95 13.65 7.12
C ILE A 65 2.61 13.66 8.50
N ARG A 66 3.88 14.04 8.55
CA ARG A 66 4.56 14.34 9.81
C ARG A 66 5.26 15.69 9.67
N GLY A 67 4.78 16.67 10.43
CA GLY A 67 5.28 18.03 10.31
C GLY A 67 5.18 18.53 8.88
N ASN A 68 6.34 18.80 8.29
CA ASN A 68 6.40 19.36 6.95
C ASN A 68 6.55 18.29 5.86
N LYS A 69 6.50 17.02 6.24
CA LYS A 69 6.81 15.90 5.34
C LYS A 69 5.55 15.12 5.04
N ILE A 70 5.43 14.65 3.79
CA ILE A 70 4.28 13.88 3.34
C ILE A 70 4.77 12.69 2.54
N ARG A 71 4.06 11.55 2.66
CA ARG A 71 4.37 10.38 1.84
C ARG A 71 3.10 9.61 1.50
N ALA A 72 3.20 8.81 0.44
CA ALA A 72 2.29 7.68 0.28
C ALA A 72 2.68 6.60 1.29
N ARG A 73 1.67 5.99 1.92
CA ARG A 73 1.95 4.95 2.91
C ARG A 73 2.27 3.58 2.29
N TYR A 74 2.00 3.38 1.01
CA TYR A 74 2.16 2.09 0.37
C TYR A 74 2.15 2.30 -1.14
N GLY A 75 2.55 1.25 -1.87
CA GLY A 75 2.39 1.24 -3.31
C GLY A 75 3.53 1.83 -4.11
N HIS A 76 4.64 2.19 -3.46
CA HIS A 76 5.75 2.82 -4.18
C HIS A 76 6.37 1.86 -5.19
N SER A 77 6.79 2.40 -6.33
CA SER A 77 7.56 1.62 -7.30
C SER A 77 9.06 1.90 -7.25
N TYR A 78 9.52 2.64 -6.24
CA TYR A 78 10.93 2.82 -5.96
C TYR A 78 11.23 2.36 -4.54
N PRO A 79 12.50 2.12 -4.20
CA PRO A 79 12.80 1.54 -2.88
C PRO A 79 12.49 2.49 -1.74
N VAL A 80 11.74 1.98 -0.76
CA VAL A 80 11.39 2.74 0.44
C VAL A 80 11.47 1.82 1.64
N ILE A 81 11.78 2.41 2.79
CA ILE A 81 11.73 1.72 4.08
C ILE A 81 10.50 2.25 4.81
N LEU A 82 9.56 1.36 5.13
CA LEU A 82 8.29 1.78 5.72
C LEU A 82 8.16 1.19 7.12
N ARG A 83 8.53 1.98 8.13
CA ARG A 83 8.50 1.50 9.51
C ARG A 83 7.15 1.81 10.17
N HIS A 84 6.10 1.28 9.55
CA HIS A 84 4.74 1.52 10.03
C HIS A 84 4.50 0.80 11.34
N GLU A 85 3.47 1.26 12.06
CA GLU A 85 3.03 0.61 13.27
C GLU A 85 2.63 -0.84 12.97
N GLU A 86 2.94 -1.74 13.90
CA GLU A 86 2.68 -3.16 13.72
C GLU A 86 1.21 -3.48 13.95
N ASP A 87 0.64 -4.31 13.07
CA ASP A 87 -0.68 -4.92 13.30
C ASP A 87 -0.44 -6.16 14.14
N LYS A 88 -0.68 -6.05 15.44
CA LYS A 88 -0.54 -7.19 16.35
C LYS A 88 -1.88 -7.84 16.67
N GLU A 89 -2.98 -7.34 16.08
CA GLU A 89 -4.34 -7.72 16.42
C GLU A 89 -5.01 -8.64 15.41
N SER A 90 -4.82 -8.40 14.12
CA SER A 90 -5.51 -9.20 13.10
C SER A 90 -5.17 -10.68 13.25
N LYS A 91 -6.21 -11.52 13.27
CA LYS A 91 -6.01 -12.96 13.24
C LYS A 91 -5.95 -13.50 11.82
N VAL A 92 -6.71 -12.92 10.90
CA VAL A 92 -6.84 -13.42 9.54
C VAL A 92 -6.77 -12.24 8.58
N LEU A 93 -5.98 -12.39 7.50
CA LEU A 93 -5.91 -11.40 6.44
C LEU A 93 -6.18 -12.08 5.09
N TYR A 94 -6.28 -11.27 4.04
CA TYR A 94 -6.66 -11.79 2.72
C TYR A 94 -5.70 -11.28 1.66
N HIS A 95 -5.44 -12.12 0.65
CA HIS A 95 -4.57 -11.75 -0.46
C HIS A 95 -5.28 -12.09 -1.77
N GLY A 96 -5.56 -11.06 -2.57
CA GLY A 96 -6.18 -11.27 -3.86
C GLY A 96 -5.14 -11.54 -4.93
N THR A 97 -5.39 -12.55 -5.76
CA THR A 97 -4.46 -12.90 -6.83
C THR A 97 -5.26 -13.58 -7.94
N VAL A 98 -4.57 -14.09 -8.96
CA VAL A 98 -5.23 -14.74 -10.08
C VAL A 98 -4.97 -16.23 -9.99
N ARG A 99 -5.87 -17.02 -10.58
CA ARG A 99 -5.82 -18.48 -10.39
C ARG A 99 -4.51 -19.05 -10.92
N ARG A 100 -4.01 -18.51 -12.03
CA ARG A 100 -2.76 -18.97 -12.63
C ARG A 100 -1.59 -18.94 -11.64
N ASN A 101 -1.66 -18.08 -10.62
CA ASN A 101 -0.58 -17.95 -9.64
C ASN A 101 -0.60 -19.05 -8.59
N LEU A 102 -1.70 -19.81 -8.49
CA LEU A 102 -1.82 -20.80 -7.41
C LEU A 102 -0.67 -21.81 -7.41
N LYS A 103 -0.28 -22.31 -8.59
CA LYS A 103 0.77 -23.32 -8.65
C LYS A 103 2.04 -22.82 -7.97
N GLY A 104 2.55 -21.66 -8.40
CA GLY A 104 3.77 -21.15 -7.80
C GLY A 104 3.61 -20.86 -6.31
N ILE A 105 2.50 -20.23 -5.95
CA ILE A 105 2.25 -19.88 -4.54
C ILE A 105 2.19 -21.15 -3.69
N MET A 106 1.47 -22.17 -4.18
CA MET A 106 1.40 -23.42 -3.42
C MET A 106 2.79 -24.04 -3.24
N ARG A 107 3.72 -23.73 -4.15
CA ARG A 107 5.08 -24.28 -4.06
C ARG A 107 5.98 -23.40 -3.21
N GLU A 108 5.88 -22.07 -3.33
CA GLU A 108 6.87 -21.15 -2.79
C GLU A 108 6.28 -20.11 -1.82
N GLY A 109 4.98 -20.14 -1.57
CA GLY A 109 4.34 -19.09 -0.78
C GLY A 109 4.14 -17.83 -1.60
N ILE A 110 3.67 -16.77 -0.93
CA ILE A 110 3.46 -15.48 -1.58
C ILE A 110 4.71 -14.65 -1.42
N LYS A 111 5.32 -14.29 -2.53
CA LYS A 111 6.50 -13.46 -2.49
C LYS A 111 6.19 -12.08 -3.05
N PRO A 112 6.92 -11.05 -2.65
CA PRO A 112 6.68 -9.73 -3.21
C PRO A 112 7.22 -9.67 -4.63
N MET A 113 6.53 -8.91 -5.48
CA MET A 113 6.93 -8.86 -6.89
C MET A 113 8.27 -8.13 -7.05
N LYS A 114 8.35 -6.89 -6.61
CA LYS A 114 9.58 -6.09 -6.75
C LYS A 114 10.24 -5.93 -5.39
N ARG A 115 10.71 -7.05 -4.83
CA ARG A 115 11.20 -7.11 -3.46
C ARG A 115 10.21 -6.42 -2.53
N GLN A 116 10.72 -5.73 -1.50
CA GLN A 116 9.90 -5.11 -0.46
C GLN A 116 8.79 -6.02 0.07
N TYR A 117 7.53 -5.67 -0.14
CA TYR A 117 6.44 -6.22 0.65
C TYR A 117 5.36 -6.88 -0.19
N VAL A 118 4.74 -7.90 0.40
CA VAL A 118 3.50 -8.49 -0.06
C VAL A 118 2.34 -7.67 0.51
N HIS A 119 1.35 -7.39 -0.32
CA HIS A 119 0.17 -6.64 0.12
C HIS A 119 -0.92 -7.60 0.56
N LEU A 120 -1.50 -7.33 1.74
CA LEU A 120 -2.65 -8.04 2.27
C LEU A 120 -3.71 -7.01 2.65
N SER A 121 -4.96 -7.46 2.80
CA SER A 121 -6.01 -6.57 3.28
CA SER A 121 -6.07 -6.61 3.21
C SER A 121 -6.79 -7.23 4.41
N ILE A 122 -7.50 -6.40 5.15
CA ILE A 122 -8.35 -6.89 6.23
C ILE A 122 -9.72 -7.34 5.70
N ASN A 123 -10.17 -6.78 4.57
CA ASN A 123 -11.46 -7.13 3.99
C ASN A 123 -11.28 -8.12 2.85
N TYR A 124 -12.17 -9.10 2.81
CA TYR A 124 -12.25 -9.97 1.64
C TYR A 124 -12.60 -9.17 0.38
N GLU A 125 -13.43 -8.13 0.51
CA GLU A 125 -13.86 -7.37 -0.67
C GLU A 125 -12.69 -6.63 -1.29
N ASP A 126 -11.89 -5.96 -0.46
CA ASP A 126 -10.73 -5.23 -0.97
C ASP A 126 -9.72 -6.18 -1.63
N ALA A 127 -9.50 -7.35 -1.02
CA ALA A 127 -8.56 -8.29 -1.61
C ALA A 127 -9.03 -8.75 -2.99
N TYR A 128 -10.31 -9.07 -3.14
CA TYR A 128 -10.82 -9.43 -4.46
C TYR A 128 -10.64 -8.28 -5.44
N ASN A 129 -11.09 -7.07 -5.06
CA ASN A 129 -10.91 -5.93 -5.95
C ASN A 129 -9.45 -5.74 -6.34
N THR A 130 -8.53 -6.00 -5.40
CA THR A 130 -7.10 -5.90 -5.69
C THR A 130 -6.67 -6.93 -6.73
N GLY A 131 -7.13 -8.19 -6.58
CA GLY A 131 -6.72 -9.21 -7.51
C GLY A 131 -7.25 -8.99 -8.91
N MET A 132 -8.39 -8.29 -9.04
CA MET A 132 -8.91 -7.99 -10.37
C MET A 132 -7.91 -7.19 -11.19
N ARG A 133 -6.95 -6.52 -10.54
CA ARG A 133 -5.92 -5.76 -11.25
C ARG A 133 -5.12 -6.63 -12.21
N HIS A 134 -4.93 -7.91 -11.87
CA HIS A 134 -4.04 -8.78 -12.63
C HIS A 134 -4.80 -9.82 -13.45
N GLY A 135 -6.08 -9.59 -13.73
CA GLY A 135 -6.83 -10.46 -14.61
C GLY A 135 -8.24 -10.79 -14.12
N GLU A 136 -8.96 -11.60 -14.90
CA GLU A 136 -10.37 -11.87 -14.63
C GLU A 136 -10.59 -12.99 -13.63
N ASP A 137 -9.75 -14.02 -13.64
CA ASP A 137 -10.02 -15.22 -12.85
C ASP A 137 -9.37 -15.08 -11.48
N VAL A 138 -10.04 -14.34 -10.60
CA VAL A 138 -9.48 -13.94 -9.32
C VAL A 138 -9.83 -14.97 -8.24
N VAL A 139 -8.85 -15.25 -7.39
CA VAL A 139 -9.09 -16.03 -6.19
C VAL A 139 -8.57 -15.21 -5.03
N VAL A 140 -9.17 -15.40 -3.86
CA VAL A 140 -8.71 -14.73 -2.64
C VAL A 140 -8.19 -15.79 -1.68
N LEU A 141 -6.96 -15.61 -1.22
CA LEU A 141 -6.35 -16.53 -0.26
C LEU A 141 -6.54 -16.01 1.16
N ILE A 142 -6.94 -16.92 2.05
CA ILE A 142 -7.08 -16.60 3.47
C ILE A 142 -5.73 -16.83 4.11
N ILE A 143 -5.25 -15.86 4.88
CA ILE A 143 -3.95 -15.89 5.51
C ILE A 143 -4.18 -15.93 7.01
N ASP A 144 -3.61 -16.94 7.67
CA ASP A 144 -3.57 -17.02 9.13
C ASP A 144 -2.48 -16.05 9.61
N ALA A 145 -2.86 -14.85 10.00
CA ALA A 145 -1.87 -13.86 10.40
C ALA A 145 -1.18 -14.23 11.70
N GLU A 146 -1.90 -14.89 12.60
CA GLU A 146 -1.27 -15.38 13.83
C GLU A 146 -0.11 -16.31 13.51
N CYS A 147 -0.34 -17.24 12.58
CA CYS A 147 0.72 -18.15 12.14
C CYS A 147 1.89 -17.36 11.57
N LEU A 148 1.58 -16.34 10.76
CA LEU A 148 2.60 -15.48 10.16
C LEU A 148 3.47 -14.85 11.22
N ARG A 149 2.85 -14.22 12.22
CA ARG A 149 3.59 -13.60 13.30
C ARG A 149 4.45 -14.61 14.03
N ASN A 150 3.91 -15.80 14.29
CA ASN A 150 4.69 -16.78 15.05
C ASN A 150 5.87 -17.32 14.26
N LYS A 151 5.82 -17.26 12.94
CA LYS A 151 6.99 -17.59 12.13
C LYS A 151 8.02 -16.46 12.14
N GLY A 152 7.74 -15.36 12.84
CA GLY A 152 8.66 -14.25 12.95
C GLY A 152 8.38 -13.05 12.06
N TYR A 153 7.35 -13.09 11.22
CA TYR A 153 7.08 -12.00 10.28
C TYR A 153 6.25 -10.90 10.92
N LYS A 154 6.67 -9.65 10.73
CA LYS A 154 5.94 -8.49 11.20
C LYS A 154 4.95 -8.04 10.12
N ILE A 155 3.68 -7.93 10.51
CA ILE A 155 2.63 -7.37 9.66
C ILE A 155 2.45 -5.92 10.06
N LEU A 156 2.60 -5.01 9.11
CA LEU A 156 2.56 -3.58 9.38
C LEU A 156 1.28 -2.95 8.83
N LYS A 157 0.77 -1.95 9.54
CA LYS A 157 -0.46 -1.28 9.13
C LYS A 157 -0.10 -0.19 8.14
N ALA A 158 -0.26 -0.45 6.85
CA ALA A 158 0.11 0.52 5.83
C ALA A 158 -1.01 1.48 5.49
N GLY A 159 -2.25 1.09 5.69
CA GLY A 159 -3.36 2.01 5.50
C GLY A 159 -4.48 1.59 6.41
N LYS A 160 -5.64 2.21 6.25
CA LYS A 160 -6.81 1.75 6.99
C LYS A 160 -7.10 0.29 6.67
N LYS A 161 -6.94 -0.11 5.41
CA LYS A 161 -7.21 -1.47 4.98
C LYS A 161 -5.96 -2.27 4.64
N VAL A 162 -4.92 -1.64 4.11
CA VAL A 162 -3.78 -2.38 3.58
C VAL A 162 -2.86 -2.82 4.71
N ARG A 163 -2.35 -4.06 4.62
CA ARG A 163 -1.32 -4.56 5.50
C ARG A 163 -0.17 -5.07 4.65
N ILE A 164 1.06 -4.92 5.14
CA ILE A 164 2.24 -5.32 4.38
C ILE A 164 3.06 -6.28 5.23
N VAL A 165 3.66 -7.26 4.55
CA VAL A 165 4.52 -8.26 5.18
C VAL A 165 5.55 -8.69 4.15
N LYS A 166 6.70 -9.18 4.61
CA LYS A 166 7.81 -9.41 3.66
C LYS A 166 7.55 -10.60 2.78
N HIS A 167 6.77 -11.56 3.25
CA HIS A 167 6.63 -12.87 2.63
C HIS A 167 5.55 -13.62 3.38
N VAL A 168 4.80 -14.47 2.67
CA VAL A 168 3.83 -15.36 3.31
C VAL A 168 4.17 -16.81 3.00
N PRO A 169 4.72 -17.57 3.95
CA PRO A 169 4.98 -19.00 3.72
C PRO A 169 3.71 -19.79 3.41
N VAL A 170 3.87 -20.85 2.61
CA VAL A 170 2.72 -21.65 2.18
C VAL A 170 1.93 -22.13 3.40
N ASP A 171 2.63 -22.52 4.47
CA ASP A 171 1.98 -23.02 5.68
C ASP A 171 0.99 -22.04 6.28
N CYS A 172 1.09 -20.74 5.95
CA CYS A 172 0.21 -19.75 6.55
C CYS A 172 -1.06 -19.48 5.74
N ILE A 173 -1.26 -20.17 4.62
CA ILE A 173 -2.47 -20.03 3.81
C ILE A 173 -3.47 -21.07 4.30
N SER A 174 -4.60 -20.61 4.83
CA SER A 174 -5.58 -21.50 5.45
CA SER A 174 -5.57 -21.50 5.44
C SER A 174 -6.78 -21.81 4.55
N GLY A 175 -6.91 -21.15 3.40
CA GLY A 175 -8.04 -21.44 2.51
C GLY A 175 -7.96 -20.61 1.24
N ILE A 176 -8.85 -20.95 0.30
CA ILE A 176 -8.95 -20.29 -1.00
C ILE A 176 -10.41 -19.98 -1.28
N LEU A 177 -10.71 -18.72 -1.61
CA LEU A 177 -12.10 -18.33 -1.90
C LEU A 177 -12.28 -17.90 -3.35
C13 9S2 B . -0.57 4.77 -10.07
C20 9S2 B . -4.07 2.70 -8.27
C21 9S2 B . -4.48 3.41 -9.55
C22 9S2 B . -5.48 2.61 -10.38
C28 9S2 B . -9.59 3.31 -10.21
C02 9S2 B . -2.65 6.39 -15.66
C04 9S2 B . -2.30 4.37 -14.55
C06 9S2 B . -1.81 6.33 -13.40
C07 9S2 B . -2.19 7.08 -14.50
C09 9S2 B . -1.56 8.45 -12.91
C11 9S2 B . -0.95 6.86 -11.09
C14 9S2 B . -1.18 3.49 -10.70
C29 9S2 B . -9.92 4.63 -10.91
C31 9S2 B . -10.77 4.15 -12.07
C33 9S2 B . -11.95 5.35 -13.90
C35 9S2 B . -13.06 6.90 -12.84
C36 9S2 B . -13.88 7.97 -12.39
C39 9S2 B . -13.26 7.50 -10.21
C41 9S2 B . -12.36 6.14 -11.92
C43 9S2 B . -10.81 2.43 -10.47
C44 9S2 B . -11.63 2.36 -9.19
C47 9S2 B . -5.06 4.77 -7.73
C49 9S2 B . -7.42 5.08 -7.41
C51 9S2 B . -7.37 6.87 -6.18
C52 9S2 B . -7.54 8.03 -5.38
C55 9S2 B . -5.23 8.31 -5.30
C57 9S2 B . -6.06 6.51 -6.49
C58 9S2 B . -4.97 3.32 -7.22
C64 9S2 B . -1.60 5.57 -9.26
C66 9S2 B . -2.20 6.47 -10.31
N01 9S2 B . -3.05 7.12 -16.84
N03 9S2 B . -2.68 5.06 -15.62
N05 9S2 B . -1.88 4.99 -13.45
N08 9S2 B . -2.01 8.39 -14.17
N10 9S2 B . -1.42 7.23 -12.44
N32 9S2 B . -11.67 5.20 -12.62
N34 9S2 B . -12.80 6.38 -14.05
N37 9S2 B . -14.64 8.78 -13.34
N38 9S2 B . -13.95 8.24 -11.08
N40 9S2 B . -12.48 6.48 -10.60
N48 9S2 B . -6.13 5.41 -7.24
N50 9S2 B . -8.17 5.96 -6.75
N53 9S2 B . -8.87 8.47 -5.01
N54 9S2 B . -6.47 8.71 -4.97
N56 9S2 B . -5.05 7.24 -6.05
O12 9S2 B . -0.12 5.68 -11.11
O15 9S2 B . -0.96 2.30 -9.90
O17 9S2 B . -0.22 2.90 -7.51
O18 9S2 B . -1.62 0.86 -7.78
O19 9S2 B . -2.75 3.15 -7.92
O23 9S2 B . -6.27 1.86 -9.42
O25 9S2 B . -8.55 1.25 -8.55
O26 9S2 B . -7.71 0.15 -10.61
O27 9S2 B . -8.44 2.64 -10.78
O30 9S2 B . -8.68 5.26 -11.35
O42 9S2 B . -11.56 3.05 -11.54
O45 9S2 B . -10.88 2.96 -8.16
O46 9S2 B . -5.13 4.66 -9.18
O59 9S2 B . -4.26 3.30 -5.92
O61 9S2 B . -6.56 3.17 -4.83
O62 9S2 B . -4.97 1.31 -4.49
O63 9S2 B . -4.55 3.45 -3.39
O65 9S2 B . -0.94 6.41 -8.28
O67 9S2 B . -2.78 7.64 -9.69
P16 9S2 B . -1.38 2.27 -8.26
P24 9S2 B . -7.78 1.42 -9.83
P60 9S2 B . -5.12 2.81 -4.62
K K C . 5.83 8.57 -0.79
K K D . 2.79 -8.17 13.16
CL CL E . 5.58 16.58 -15.20
CL CL F . 4.23 -0.93 -0.72
CL CL G . -6.12 -16.86 -13.85
#